data_9VN5
#
_entry.id   9VN5
#
_cell.length_a   116.265
_cell.length_b   47.376
_cell.length_c   129.472
_cell.angle_alpha   90.00
_cell.angle_beta   113.34
_cell.angle_gamma   90.00
#
_symmetry.space_group_name_H-M   'C 1 2 1'
#
loop_
_entity.id
_entity.type
_entity.pdbx_description
1 polymer 'WD repeat-containing protein 5'
2 polymer 'Methyl-CpG binding domain protein 3'
3 water water
#
loop_
_entity_poly.entity_id
_entity_poly.type
_entity_poly.pdbx_seq_one_letter_code
_entity_poly.pdbx_strand_id
1 'polypeptide(L)'
;GSHMTQSKPTPVKPNYALKFTLAGHTKAVSSVKFSPNGEWLASSSADKLIKIWGAYDGKFEKTISGHKLGISDVAWSSDS
NLLVSASDDKTLKIWDVSSGKCLKTLKGHSNYVFCCNFNPQSNLIVSGSFDESVRIWDVKTGKCLKTLPAHSDPVSAVHF
NRDGSLIVSSSYDGLCRIWDTASGQCLKTLIDDDNPPVSFVKFSPNGKYILAATLDNTLKLWDYSKGKCLKTYTGHKNEK
YCIFANFSVTGGKWIVSGSEDNLVYIWNLQTKEIVQKLQGHTDVVISTACHPTENIIASAALENDKTIKLWKSDC
;
A,B
2 'polypeptide(L)' GAAKCRVFSP C,D
#
# COMPACT_ATOMS: atom_id res chain seq x y z
N VAL A 12 -9.37 -26.91 -0.53
CA VAL A 12 -8.57 -25.70 -0.40
C VAL A 12 -9.23 -24.75 0.61
N LYS A 13 -8.41 -24.24 1.54
CA LYS A 13 -8.86 -23.25 2.51
C LYS A 13 -7.85 -22.12 2.60
N PRO A 14 -8.31 -20.90 2.87
CA PRO A 14 -7.37 -19.79 3.07
C PRO A 14 -6.68 -19.89 4.42
N ASN A 15 -5.59 -19.14 4.55
CA ASN A 15 -4.82 -19.09 5.80
C ASN A 15 -4.52 -17.66 6.18
N TYR A 16 -5.55 -16.80 6.17
CA TYR A 16 -5.36 -15.41 6.55
C TYR A 16 -4.73 -15.30 7.93
N ALA A 17 -3.69 -14.47 8.01
CA ALA A 17 -2.93 -14.26 9.23
C ALA A 17 -2.83 -12.76 9.47
N LEU A 18 -2.96 -12.37 10.74
CA LEU A 18 -2.88 -10.96 11.09
C LEU A 18 -1.50 -10.42 10.73
N LYS A 19 -1.49 -9.27 10.06
CA LYS A 19 -0.27 -8.60 9.65
C LYS A 19 -0.10 -7.23 10.30
N PHE A 20 -1.18 -6.46 10.41
CA PHE A 20 -1.15 -5.14 11.04
C PHE A 20 -2.44 -4.87 11.79
N THR A 21 -2.30 -4.13 12.89
CA THR A 21 -3.42 -3.56 13.61
C THR A 21 -3.23 -2.06 13.63
N LEU A 22 -4.17 -1.33 13.04
CA LEU A 22 -4.06 0.11 12.82
C LEU A 22 -4.93 0.84 13.84
N ALA A 23 -4.31 1.54 14.77
CA ALA A 23 -5.02 2.34 15.76
C ALA A 23 -4.99 3.82 15.38
N GLY A 24 -5.95 4.57 15.92
CA GLY A 24 -5.98 6.00 15.72
C GLY A 24 -7.34 6.67 15.64
N HIS A 25 -8.37 5.94 15.21
CA HIS A 25 -9.72 6.48 15.35
C HIS A 25 -10.10 6.52 16.82
N THR A 26 -10.73 7.62 17.25
CA THR A 26 -11.06 7.82 18.65
C THR A 26 -12.48 7.37 19.02
N LYS A 27 -13.30 7.00 18.04
CA LYS A 27 -14.57 6.33 18.28
C LYS A 27 -14.66 5.13 17.33
N ALA A 28 -15.82 4.48 17.35
CA ALA A 28 -16.01 3.27 16.54
C ALA A 28 -15.68 3.55 15.09
N VAL A 29 -15.09 2.55 14.43
CA VAL A 29 -14.90 2.63 12.99
C VAL A 29 -16.20 2.20 12.32
N SER A 30 -16.51 2.78 11.16
CA SER A 30 -17.77 2.46 10.49
C SER A 30 -17.61 1.73 9.16
N SER A 31 -16.50 1.94 8.44
CA SER A 31 -16.29 1.25 7.17
CA SER A 31 -16.30 1.30 7.13
C SER A 31 -14.84 1.35 6.75
N VAL A 32 -14.40 0.34 6.02
CA VAL A 32 -13.07 0.31 5.41
C VAL A 32 -13.25 -0.10 3.95
N LYS A 33 -12.55 0.58 3.05
CA LYS A 33 -12.57 0.28 1.62
C LYS A 33 -11.15 0.40 1.06
N PHE A 34 -10.74 -0.59 0.27
CA PHE A 34 -9.50 -0.47 -0.49
C PHE A 34 -9.70 0.36 -1.75
N SER A 35 -8.71 1.17 -2.10
CA SER A 35 -8.78 1.87 -3.37
C SER A 35 -8.79 0.86 -4.50
N PRO A 36 -9.48 1.15 -5.60
CA PRO A 36 -9.45 0.23 -6.75
C PRO A 36 -8.03 -0.06 -7.24
N ASN A 37 -7.11 0.89 -7.15
CA ASN A 37 -5.74 0.67 -7.60
C ASN A 37 -4.89 -0.10 -6.59
N GLY A 38 -5.45 -0.45 -5.44
CA GLY A 38 -4.78 -1.31 -4.47
C GLY A 38 -3.78 -0.62 -3.57
N GLU A 39 -3.52 0.67 -3.76
CA GLU A 39 -2.49 1.36 -2.99
C GLU A 39 -2.95 1.74 -1.58
N TRP A 40 -4.23 2.02 -1.38
CA TRP A 40 -4.69 2.62 -0.13
C TRP A 40 -5.82 1.83 0.50
N LEU A 41 -5.91 1.97 1.81
CA LEU A 41 -7.11 1.67 2.58
C LEU A 41 -7.67 2.97 3.13
N ALA A 42 -8.98 3.15 3.00
CA ALA A 42 -9.68 4.27 3.62
C ALA A 42 -10.56 3.72 4.73
N SER A 43 -10.59 4.45 5.85
CA SER A 43 -11.50 4.13 6.94
C SER A 43 -12.30 5.38 7.29
N SER A 44 -13.57 5.19 7.62
CA SER A 44 -14.44 6.24 8.12
C SER A 44 -14.81 5.89 9.56
N SER A 45 -15.15 6.90 10.35
CA SER A 45 -15.41 6.61 11.75
C SER A 45 -16.54 7.46 12.33
N ALA A 46 -17.09 6.97 13.44
CA ALA A 46 -17.97 7.79 14.26
C ALA A 46 -17.24 9.00 14.82
N ASP A 47 -15.90 9.03 14.76
CA ASP A 47 -15.18 10.20 15.29
C ASP A 47 -15.13 11.34 14.28
N LYS A 48 -15.93 11.28 13.21
CA LYS A 48 -16.10 12.31 12.18
C LYS A 48 -14.93 12.37 11.20
N LEU A 49 -14.05 11.38 11.19
CA LEU A 49 -12.83 11.43 10.39
C LEU A 49 -12.76 10.30 9.38
N ILE A 50 -11.98 10.57 8.33
CA ILE A 50 -11.52 9.59 7.36
C ILE A 50 -10.02 9.46 7.53
N LYS A 51 -9.51 8.24 7.54
CA LYS A 51 -8.07 8.02 7.61
C LYS A 51 -7.61 7.16 6.45
N ILE A 52 -6.49 7.55 5.85
CA ILE A 52 -5.90 6.86 4.72
C ILE A 52 -4.64 6.18 5.21
N TRP A 53 -4.54 4.87 4.90
CA TRP A 53 -3.44 4.01 5.31
C TRP A 53 -2.85 3.33 4.08
N GLY A 54 -1.56 3.02 4.14
CA GLY A 54 -0.94 2.24 3.09
C GLY A 54 -1.43 0.80 3.12
N ALA A 55 -1.92 0.31 1.97
CA ALA A 55 -2.53 -1.02 1.93
C ALA A 55 -1.53 -2.13 2.22
N TYR A 56 -0.26 -1.92 1.90
CA TYR A 56 0.71 -3.00 1.99
C TYR A 56 1.59 -2.94 3.23
N ASP A 57 1.91 -1.74 3.73
CA ASP A 57 2.73 -1.61 4.92
C ASP A 57 1.96 -1.16 6.15
N GLY A 58 0.66 -0.88 6.01
CA GLY A 58 -0.14 -0.41 7.12
C GLY A 58 0.14 1.01 7.55
N LYS A 59 0.99 1.73 6.82
CA LYS A 59 1.46 3.04 7.27
C LYS A 59 0.37 4.09 7.18
N PHE A 60 0.13 4.78 8.29
CA PHE A 60 -0.81 5.90 8.28
C PHE A 60 -0.36 6.95 7.29
N GLU A 61 -1.28 7.34 6.39
CA GLU A 61 -0.99 8.35 5.39
C GLU A 61 -1.55 9.71 5.76
N LYS A 62 -2.84 9.80 6.08
CA LYS A 62 -3.36 11.13 6.40
C LYS A 62 -4.76 11.04 7.00
N THR A 63 -5.17 12.14 7.64
CA THR A 63 -6.51 12.31 8.18
C THR A 63 -7.24 13.36 7.34
N ILE A 64 -8.48 13.05 6.97
CA ILE A 64 -9.34 13.91 6.18
C ILE A 64 -10.56 14.23 7.04
N SER A 65 -10.85 15.52 7.21
CA SER A 65 -11.89 15.95 8.15
C SER A 65 -12.74 17.05 7.52
N GLY A 66 -13.86 17.32 8.19
CA GLY A 66 -14.78 18.37 7.78
C GLY A 66 -16.24 18.06 8.05
N HIS A 67 -16.58 16.78 8.22
CA HIS A 67 -17.93 16.43 8.62
C HIS A 67 -18.17 16.85 10.07
N LYS A 68 -19.37 17.37 10.33
CA LYS A 68 -19.72 17.87 11.65
C LYS A 68 -20.24 16.78 12.59
N LEU A 69 -20.58 15.61 12.06
CA LEU A 69 -21.04 14.48 12.83
C LEU A 69 -20.37 13.22 12.27
N GLY A 70 -20.64 12.09 12.91
CA GLY A 70 -19.97 10.85 12.52
C GLY A 70 -20.28 10.44 11.10
N ILE A 71 -19.41 9.60 10.55
CA ILE A 71 -19.50 9.11 9.18
C ILE A 71 -19.85 7.62 9.23
N SER A 72 -20.84 7.21 8.44
CA SER A 72 -21.28 5.82 8.37
C SER A 72 -20.69 5.05 7.19
N ASP A 73 -20.24 5.74 6.15
CA ASP A 73 -19.77 5.03 4.96
C ASP A 73 -18.82 5.91 4.18
N VAL A 74 -17.92 5.27 3.43
CA VAL A 74 -16.98 5.97 2.56
C VAL A 74 -16.79 5.09 1.32
N ALA A 75 -16.54 5.73 0.18
CA ALA A 75 -16.39 4.98 -1.08
C ALA A 75 -15.43 5.70 -2.01
N TRP A 76 -14.69 4.91 -2.80
CA TRP A 76 -13.70 5.40 -3.75
C TRP A 76 -14.30 5.55 -5.15
N SER A 77 -13.83 6.56 -5.88
CA SER A 77 -14.08 6.60 -7.31
C SER A 77 -13.27 5.52 -8.00
N SER A 78 -13.69 5.18 -9.23
CA SER A 78 -13.04 4.09 -9.95
CA SER A 78 -13.04 4.10 -9.99
C SER A 78 -11.57 4.40 -10.27
N ASP A 79 -11.20 5.67 -10.35
CA ASP A 79 -9.82 6.04 -10.61
C ASP A 79 -9.01 6.28 -9.33
N SER A 80 -9.56 5.90 -8.18
CA SER A 80 -8.90 6.04 -6.86
C SER A 80 -8.50 7.47 -6.54
N ASN A 81 -9.06 8.46 -7.25
CA ASN A 81 -8.69 9.85 -6.99
C ASN A 81 -9.64 10.55 -6.05
N LEU A 82 -10.90 10.11 -5.96
CA LEU A 82 -11.88 10.76 -5.11
C LEU A 82 -12.36 9.82 -4.02
N LEU A 83 -12.89 10.42 -2.96
CA LEU A 83 -13.65 9.70 -1.95
C LEU A 83 -14.99 10.38 -1.77
N VAL A 84 -16.03 9.59 -1.50
CA VAL A 84 -17.32 10.12 -1.08
C VAL A 84 -17.64 9.54 0.28
N SER A 85 -18.12 10.39 1.19
CA SER A 85 -18.47 9.97 2.54
C SER A 85 -19.91 10.37 2.85
N ALA A 86 -20.56 9.58 3.71
CA ALA A 86 -21.94 9.79 4.13
C ALA A 86 -21.99 9.95 5.64
N SER A 87 -22.68 11.00 6.11
CA SER A 87 -22.57 11.43 7.50
C SER A 87 -23.93 11.57 8.18
N ASP A 88 -23.91 11.46 9.53
CA ASP A 88 -25.06 11.79 10.35
C ASP A 88 -25.47 13.25 10.20
N ASP A 89 -24.56 14.12 9.71
CA ASP A 89 -24.93 15.51 9.49
C ASP A 89 -25.82 15.73 8.26
N LYS A 90 -26.37 14.63 7.72
CA LYS A 90 -27.33 14.61 6.61
C LYS A 90 -26.71 14.95 5.26
N THR A 91 -25.39 15.09 5.17
CA THR A 91 -24.76 15.40 3.90
C THR A 91 -23.85 14.27 3.47
N LEU A 92 -23.51 14.27 2.20
CA LEU A 92 -22.33 13.57 1.73
C LEU A 92 -21.24 14.58 1.37
N LYS A 93 -20.01 14.13 1.37
CA LYS A 93 -18.92 15.00 0.94
C LYS A 93 -18.03 14.27 -0.06
N ILE A 94 -17.66 15.00 -1.12
CA ILE A 94 -16.71 14.56 -2.13
C ILE A 94 -15.37 15.20 -1.84
N TRP A 95 -14.35 14.35 -1.69
CA TRP A 95 -13.00 14.72 -1.28
C TRP A 95 -12.01 14.37 -2.38
N ASP A 96 -11.12 15.31 -2.68
CA ASP A 96 -9.93 15.04 -3.48
C ASP A 96 -8.89 14.39 -2.56
N VAL A 97 -8.53 13.14 -2.84
CA VAL A 97 -7.77 12.34 -1.88
C VAL A 97 -6.36 12.90 -1.68
N SER A 98 -5.67 13.24 -2.78
CA SER A 98 -4.27 13.65 -2.64
C SER A 98 -4.13 14.94 -1.86
N SER A 99 -5.11 15.83 -1.94
CA SER A 99 -5.08 17.09 -1.20
C SER A 99 -5.83 17.04 0.12
N GLY A 100 -6.79 16.13 0.28
CA GLY A 100 -7.63 16.11 1.44
C GLY A 100 -8.70 17.18 1.45
N LYS A 101 -8.75 18.04 0.44
CA LYS A 101 -9.76 19.09 0.39
C LYS A 101 -11.13 18.53 0.06
N CYS A 102 -12.15 19.08 0.72
CA CYS A 102 -13.53 18.80 0.35
C CYS A 102 -13.86 19.51 -0.97
N LEU A 103 -14.26 18.73 -1.96
CA LEU A 103 -14.63 19.29 -3.26
C LEU A 103 -16.10 19.68 -3.31
N LYS A 104 -16.97 18.82 -2.79
CA LYS A 104 -18.39 19.15 -2.78
C LYS A 104 -19.04 18.68 -1.50
N THR A 105 -20.09 19.39 -1.10
CA THR A 105 -21.01 18.94 -0.07
C THR A 105 -22.37 18.69 -0.70
N LEU A 106 -22.83 17.45 -0.62
CA LEU A 106 -24.09 17.01 -1.21
C LEU A 106 -25.19 17.14 -0.16
N LYS A 107 -26.13 18.03 -0.42
CA LYS A 107 -27.17 18.43 0.52
C LYS A 107 -28.54 18.11 -0.05
N GLY A 108 -29.45 17.65 0.81
CA GLY A 108 -30.78 17.26 0.37
C GLY A 108 -31.42 16.09 1.11
N HIS A 109 -30.65 15.18 1.68
CA HIS A 109 -31.26 14.21 2.58
C HIS A 109 -31.74 14.92 3.85
N SER A 110 -32.86 14.44 4.40
CA SER A 110 -33.46 15.05 5.58
C SER A 110 -33.16 14.27 6.85
N ASN A 111 -32.30 13.26 6.77
CA ASN A 111 -31.88 12.49 7.94
C ASN A 111 -30.49 11.94 7.68
N TYR A 112 -30.02 11.04 8.54
CA TYR A 112 -28.67 10.50 8.43
C TYR A 112 -28.45 9.92 7.03
N VAL A 113 -27.27 10.16 6.46
CA VAL A 113 -26.87 9.43 5.26
C VAL A 113 -26.11 8.19 5.70
N PHE A 114 -26.61 7.02 5.32
CA PHE A 114 -26.12 5.74 5.80
C PHE A 114 -25.14 5.06 4.87
N CYS A 115 -25.29 5.22 3.55
CA CYS A 115 -24.52 4.45 2.58
C CYS A 115 -24.30 5.25 1.31
N CYS A 116 -23.21 4.93 0.60
CA CYS A 116 -22.88 5.66 -0.61
C CYS A 116 -21.99 4.82 -1.51
N ASN A 117 -21.99 5.18 -2.79
CA ASN A 117 -21.15 4.54 -3.80
C ASN A 117 -21.08 5.41 -5.05
N PHE A 118 -19.93 5.37 -5.72
CA PHE A 118 -19.79 5.88 -7.08
C PHE A 118 -20.27 4.83 -8.08
N ASN A 119 -20.73 5.28 -9.24
CA ASN A 119 -20.87 4.35 -10.35
C ASN A 119 -19.51 4.11 -11.00
N PRO A 120 -19.39 3.05 -11.81
CA PRO A 120 -18.08 2.78 -12.46
C PRO A 120 -17.55 3.94 -13.30
N GLN A 121 -18.42 4.62 -14.06
CA GLN A 121 -17.97 5.80 -14.79
C GLN A 121 -17.48 6.88 -13.84
N SER A 122 -17.99 6.86 -12.60
CA SER A 122 -17.65 7.81 -11.55
C SER A 122 -18.09 9.23 -11.88
N ASN A 123 -19.16 9.38 -12.68
CA ASN A 123 -19.84 10.65 -12.79
C ASN A 123 -21.10 10.73 -11.92
N LEU A 124 -21.48 9.64 -11.27
CA LEU A 124 -22.65 9.64 -10.40
C LEU A 124 -22.26 9.09 -9.04
N ILE A 125 -22.95 9.59 -8.01
CA ILE A 125 -22.91 9.00 -6.69
C ILE A 125 -24.33 8.59 -6.31
N VAL A 126 -24.48 7.40 -5.74
CA VAL A 126 -25.77 6.98 -5.21
C VAL A 126 -25.65 6.95 -3.70
N SER A 127 -26.74 7.28 -3.02
CA SER A 127 -26.74 7.35 -1.56
C SER A 127 -28.08 6.88 -1.02
N GLY A 128 -28.03 6.34 0.19
CA GLY A 128 -29.25 5.98 0.90
C GLY A 128 -29.22 6.56 2.30
N SER A 129 -30.41 6.78 2.85
CA SER A 129 -30.51 7.56 4.07
C SER A 129 -31.60 7.02 4.97
N PHE A 130 -31.51 7.42 6.24
CA PHE A 130 -32.61 7.19 7.18
C PHE A 130 -33.90 7.87 6.75
N ASP A 131 -33.82 8.87 5.86
CA ASP A 131 -35.03 9.52 5.39
C ASP A 131 -35.83 8.65 4.42
N GLU A 132 -35.41 7.40 4.21
CA GLU A 132 -36.06 6.33 3.44
C GLU A 132 -35.91 6.52 1.93
N SER A 133 -35.10 7.48 1.48
CA SER A 133 -34.93 7.76 0.07
C SER A 133 -33.57 7.29 -0.42
N VAL A 134 -33.49 7.09 -1.74
CA VAL A 134 -32.23 6.85 -2.42
C VAL A 134 -32.00 8.00 -3.38
N ARG A 135 -30.86 8.66 -3.26
CA ARG A 135 -30.61 9.81 -4.11
C ARG A 135 -29.48 9.53 -5.09
N ILE A 136 -29.61 10.10 -6.29
CA ILE A 136 -28.60 10.01 -7.34
C ILE A 136 -28.10 11.42 -7.62
N TRP A 137 -26.78 11.61 -7.44
CA TRP A 137 -26.13 12.90 -7.46
C TRP A 137 -25.15 12.99 -8.63
N ASP A 138 -25.13 14.16 -9.26
CA ASP A 138 -24.14 14.51 -10.26
C ASP A 138 -22.81 14.80 -9.59
N VAL A 139 -21.76 14.07 -9.96
CA VAL A 139 -20.47 14.21 -9.28
C VAL A 139 -19.85 15.58 -9.59
N LYS A 140 -19.93 16.04 -10.84
CA LYS A 140 -19.20 17.23 -11.22
C LYS A 140 -19.84 18.50 -10.66
N THR A 141 -21.17 18.55 -10.60
CA THR A 141 -21.85 19.72 -10.07
C THR A 141 -22.21 19.59 -8.60
N GLY A 142 -22.30 18.37 -8.08
CA GLY A 142 -22.82 18.19 -6.74
C GLY A 142 -24.32 18.36 -6.63
N LYS A 143 -25.02 18.42 -7.75
CA LYS A 143 -26.46 18.64 -7.75
C LYS A 143 -27.17 17.29 -7.69
N CYS A 144 -28.26 17.23 -6.91
CA CYS A 144 -29.03 16.00 -6.82
C CYS A 144 -29.85 15.83 -8.09
N LEU A 145 -29.62 14.73 -8.80
CA LEU A 145 -30.32 14.50 -10.05
C LEU A 145 -31.66 13.79 -9.83
N LYS A 146 -31.72 12.85 -8.90
CA LYS A 146 -32.98 12.17 -8.64
C LYS A 146 -33.13 11.83 -7.17
N THR A 147 -34.38 11.88 -6.70
CA THR A 147 -34.77 11.40 -5.37
C THR A 147 -35.76 10.26 -5.56
N LEU A 148 -35.33 9.03 -5.26
CA LEU A 148 -36.15 7.85 -5.37
C LEU A 148 -36.84 7.58 -4.03
N PRO A 149 -38.17 7.52 -3.98
CA PRO A 149 -38.88 7.09 -2.77
C PRO A 149 -38.76 5.57 -2.63
N ALA A 150 -37.54 5.14 -2.31
CA ALA A 150 -37.14 3.75 -2.52
C ALA A 150 -37.75 2.78 -1.54
N HIS A 151 -37.93 3.19 -0.28
CA HIS A 151 -38.25 2.25 0.78
C HIS A 151 -39.14 2.93 1.81
N SER A 152 -39.66 2.13 2.74
CA SER A 152 -40.55 2.63 3.79
C SER A 152 -39.87 2.64 5.16
N ASP A 153 -38.54 2.51 5.20
CA ASP A 153 -37.75 2.50 6.43
C ASP A 153 -36.30 2.83 6.06
N PRO A 154 -35.38 2.98 7.02
CA PRO A 154 -34.02 3.39 6.66
C PRO A 154 -33.38 2.49 5.63
N VAL A 155 -32.62 3.11 4.72
CA VAL A 155 -31.94 2.39 3.64
C VAL A 155 -30.54 2.03 4.10
N SER A 156 -30.24 0.73 4.11
CA SER A 156 -28.99 0.25 4.66
C SER A 156 -27.84 0.18 3.65
N ALA A 157 -28.14 0.04 2.36
CA ALA A 157 -27.06 -0.16 1.38
C ALA A 157 -27.52 0.23 -0.01
N VAL A 158 -26.60 0.79 -0.80
CA VAL A 158 -26.83 1.12 -2.20
C VAL A 158 -25.58 0.75 -2.99
N HIS A 159 -25.77 0.18 -4.18
CA HIS A 159 -24.63 -0.30 -4.96
C HIS A 159 -24.97 -0.34 -6.44
N PHE A 160 -24.05 0.13 -7.28
CA PHE A 160 -24.17 0.04 -8.73
C PHE A 160 -23.65 -1.30 -9.23
N ASN A 161 -24.20 -1.75 -10.35
CA ASN A 161 -23.66 -2.94 -11.01
C ASN A 161 -22.47 -2.56 -11.89
N ARG A 162 -21.94 -3.54 -12.62
CA ARG A 162 -20.62 -3.42 -13.24
C ARG A 162 -20.54 -2.26 -14.25
N ASP A 163 -21.63 -1.94 -14.93
CA ASP A 163 -21.61 -0.86 -15.91
C ASP A 163 -22.40 0.36 -15.47
N GLY A 164 -22.89 0.36 -14.24
CA GLY A 164 -23.62 1.50 -13.72
C GLY A 164 -25.04 1.65 -14.21
N SER A 165 -25.56 0.67 -14.96
CA SER A 165 -26.91 0.78 -15.47
C SER A 165 -27.97 0.38 -14.44
N LEU A 166 -27.59 -0.25 -13.33
CA LEU A 166 -28.54 -0.66 -12.30
C LEU A 166 -28.02 -0.26 -10.93
N ILE A 167 -28.98 -0.07 -10.01
CA ILE A 167 -28.71 0.15 -8.59
C ILE A 167 -29.47 -0.91 -7.81
N VAL A 168 -28.85 -1.46 -6.77
CA VAL A 168 -29.57 -2.29 -5.82
C VAL A 168 -29.59 -1.57 -4.48
N SER A 169 -30.77 -1.50 -3.86
CA SER A 169 -30.92 -0.94 -2.53
C SER A 169 -31.51 -1.98 -1.60
N SER A 170 -31.27 -1.78 -0.31
CA SER A 170 -31.80 -2.62 0.76
C SER A 170 -32.28 -1.74 1.90
N SER A 171 -33.22 -2.25 2.69
CA SER A 171 -33.77 -1.42 3.76
C SER A 171 -34.19 -2.27 4.94
N TYR A 172 -34.31 -1.60 6.10
CA TYR A 172 -34.94 -2.19 7.28
C TYR A 172 -36.36 -2.67 6.99
N ASP A 173 -37.03 -2.05 6.01
CA ASP A 173 -38.37 -2.49 5.61
C ASP A 173 -38.42 -3.93 5.10
N GLY A 174 -37.27 -4.57 4.87
CA GLY A 174 -37.24 -5.97 4.48
C GLY A 174 -37.10 -6.24 2.99
N LEU A 175 -36.99 -5.21 2.17
CA LEU A 175 -36.94 -5.37 0.72
C LEU A 175 -35.55 -5.11 0.18
N CYS A 176 -35.23 -5.77 -0.94
CA CYS A 176 -34.19 -5.36 -1.86
C CYS A 176 -34.84 -4.92 -3.16
N ARG A 177 -34.37 -3.82 -3.74
CA ARG A 177 -34.93 -3.35 -4.99
C ARG A 177 -33.82 -3.09 -6.02
N ILE A 178 -34.14 -3.44 -7.27
CA ILE A 178 -33.29 -3.22 -8.43
C ILE A 178 -33.90 -2.07 -9.23
N TRP A 179 -33.11 -1.00 -9.40
CA TRP A 179 -33.52 0.22 -10.07
C TRP A 179 -32.73 0.42 -11.36
N ASP A 180 -33.42 0.90 -12.39
CA ASP A 180 -32.79 1.42 -13.61
C ASP A 180 -32.23 2.82 -13.34
N THR A 181 -30.92 2.99 -13.53
CA THR A 181 -30.26 4.23 -13.15
C THR A 181 -30.77 5.41 -13.96
N ALA A 182 -30.88 5.25 -15.28
CA ALA A 182 -31.22 6.37 -16.15
C ALA A 182 -32.66 6.81 -15.95
N SER A 183 -33.59 5.87 -15.84
CA SER A 183 -35.00 6.20 -15.65
C SER A 183 -35.38 6.37 -14.20
N GLY A 184 -34.61 5.80 -13.27
CA GLY A 184 -35.02 5.81 -11.88
C GLY A 184 -36.21 4.94 -11.56
N GLN A 185 -36.59 4.04 -12.47
CA GLN A 185 -37.73 3.17 -12.25
C GLN A 185 -37.29 1.88 -11.59
N CYS A 186 -38.13 1.37 -10.70
CA CYS A 186 -37.89 0.10 -10.03
C CYS A 186 -38.15 -1.04 -11.00
N LEU A 187 -37.11 -1.78 -11.34
CA LEU A 187 -37.25 -2.94 -12.20
C LEU A 187 -37.57 -4.22 -11.44
N LYS A 188 -37.20 -4.31 -10.16
CA LYS A 188 -37.34 -5.58 -9.48
C LYS A 188 -37.45 -5.35 -7.98
N THR A 189 -38.35 -6.07 -7.32
CA THR A 189 -38.43 -6.08 -5.86
C THR A 189 -38.34 -7.50 -5.37
N LEU A 190 -37.36 -7.79 -4.52
CA LEU A 190 -37.20 -9.11 -3.91
C LEU A 190 -37.92 -9.11 -2.58
N ILE A 191 -38.98 -9.91 -2.49
CA ILE A 191 -39.81 -9.98 -1.30
C ILE A 191 -39.66 -11.38 -0.70
N ASP A 192 -39.39 -11.44 0.60
CA ASP A 192 -39.30 -12.69 1.32
C ASP A 192 -40.34 -12.72 2.43
N ASP A 193 -40.90 -13.90 2.68
CA ASP A 193 -41.73 -14.09 3.85
C ASP A 193 -40.88 -13.94 5.11
N ASP A 194 -41.53 -13.52 6.20
CA ASP A 194 -40.95 -13.23 7.50
C ASP A 194 -40.16 -11.92 7.46
N ASN A 195 -39.86 -11.43 6.24
CA ASN A 195 -39.24 -10.15 5.89
C ASN A 195 -38.38 -9.57 7.02
N PRO A 196 -37.30 -10.25 7.42
CA PRO A 196 -36.38 -9.64 8.38
C PRO A 196 -35.75 -8.40 7.78
N PRO A 197 -35.32 -7.44 8.59
CA PRO A 197 -34.65 -6.27 8.03
C PRO A 197 -33.45 -6.68 7.20
N VAL A 198 -33.28 -6.02 6.06
CA VAL A 198 -32.12 -6.25 5.20
C VAL A 198 -31.08 -5.19 5.56
N SER A 199 -29.91 -5.64 5.98
CA SER A 199 -28.87 -4.79 6.53
C SER A 199 -27.73 -4.53 5.56
N PHE A 200 -27.73 -5.18 4.40
CA PHE A 200 -26.66 -5.04 3.42
C PHE A 200 -27.10 -5.70 2.12
N VAL A 201 -26.67 -5.12 1.00
CA VAL A 201 -26.84 -5.73 -0.31
C VAL A 201 -25.74 -5.20 -1.23
N LYS A 202 -25.28 -6.06 -2.14
CA LYS A 202 -24.42 -5.60 -3.24
C LYS A 202 -24.51 -6.59 -4.39
N PHE A 203 -24.13 -6.11 -5.57
CA PHE A 203 -24.08 -6.95 -6.76
C PHE A 203 -22.87 -7.88 -6.71
N SER A 204 -23.02 -9.07 -7.29
CA SER A 204 -21.88 -9.93 -7.51
C SER A 204 -20.95 -9.29 -8.53
N PRO A 205 -19.68 -9.69 -8.57
CA PRO A 205 -18.75 -9.09 -9.54
C PRO A 205 -19.23 -9.16 -10.98
N ASN A 206 -19.91 -10.22 -11.39
CA ASN A 206 -20.45 -10.29 -12.75
C ASN A 206 -21.82 -9.63 -12.90
N GLY A 207 -22.37 -9.07 -11.83
CA GLY A 207 -23.63 -8.35 -11.91
C GLY A 207 -24.85 -9.22 -12.08
N LYS A 208 -24.71 -10.54 -12.08
CA LYS A 208 -25.84 -11.44 -12.26
C LYS A 208 -26.55 -11.77 -10.95
N TYR A 209 -25.85 -11.69 -9.82
CA TYR A 209 -26.38 -12.07 -8.52
C TYR A 209 -26.37 -10.87 -7.60
N ILE A 210 -27.08 -10.98 -6.48
CA ILE A 210 -26.90 -10.04 -5.38
C ILE A 210 -26.69 -10.80 -4.08
N LEU A 211 -25.83 -10.24 -3.24
CA LEU A 211 -25.53 -10.77 -1.92
C LEU A 211 -26.24 -9.90 -0.90
N ALA A 212 -27.16 -10.48 -0.14
CA ALA A 212 -28.00 -9.73 0.79
C ALA A 212 -27.87 -10.30 2.19
N ALA A 213 -27.66 -9.41 3.16
CA ALA A 213 -27.60 -9.80 4.57
C ALA A 213 -28.92 -9.40 5.24
N THR A 214 -29.46 -10.29 6.07
CA THR A 214 -30.62 -9.94 6.88
C THR A 214 -30.28 -10.11 8.36
N LEU A 215 -31.04 -9.42 9.22
CA LEU A 215 -30.70 -9.36 10.63
C LEU A 215 -31.24 -10.57 11.39
N ASP A 216 -31.37 -11.68 10.68
CA ASP A 216 -31.57 -13.00 11.26
C ASP A 216 -30.33 -13.88 11.08
N ASN A 217 -29.15 -13.27 11.16
CA ASN A 217 -27.87 -13.99 11.14
C ASN A 217 -27.67 -14.77 9.84
N THR A 218 -28.07 -14.17 8.72
CA THR A 218 -28.15 -14.92 7.46
C THR A 218 -27.69 -14.07 6.30
N LEU A 219 -26.80 -14.63 5.47
CA LEU A 219 -26.46 -14.07 4.17
C LEU A 219 -27.03 -14.94 3.06
N LYS A 220 -27.53 -14.30 2.00
CA LYS A 220 -28.13 -15.02 0.89
C LYS A 220 -27.55 -14.51 -0.42
N LEU A 221 -27.29 -15.45 -1.32
CA LEU A 221 -26.92 -15.17 -2.70
C LEU A 221 -28.13 -15.47 -3.56
N TRP A 222 -28.61 -14.43 -4.26
CA TRP A 222 -29.86 -14.44 -5.02
C TRP A 222 -29.58 -14.22 -6.50
N ASP A 223 -30.32 -14.96 -7.34
CA ASP A 223 -30.57 -14.61 -8.73
C ASP A 223 -31.75 -13.63 -8.75
N TYR A 224 -31.46 -12.34 -8.86
CA TYR A 224 -32.53 -11.36 -8.74
C TYR A 224 -33.46 -11.38 -9.96
N SER A 225 -32.91 -11.61 -11.16
CA SER A 225 -33.78 -11.73 -12.33
C SER A 225 -34.67 -12.95 -12.22
N LYS A 226 -34.12 -14.08 -11.78
CA LYS A 226 -34.91 -15.28 -11.52
C LYS A 226 -35.70 -15.20 -10.23
N GLY A 227 -35.33 -14.30 -9.31
CA GLY A 227 -35.98 -14.26 -8.01
C GLY A 227 -35.75 -15.51 -7.19
N LYS A 228 -34.65 -16.21 -7.43
CA LYS A 228 -34.33 -17.44 -6.73
C LYS A 228 -33.11 -17.24 -5.84
N CYS A 229 -33.12 -17.90 -4.68
CA CYS A 229 -32.00 -17.85 -3.75
C CYS A 229 -31.09 -19.05 -4.02
N LEU A 230 -29.88 -18.77 -4.50
CA LEU A 230 -28.96 -19.85 -4.85
C LEU A 230 -28.18 -20.36 -3.65
N LYS A 231 -27.75 -19.48 -2.75
CA LYS A 231 -26.92 -19.92 -1.65
C LYS A 231 -27.33 -19.20 -0.37
N THR A 232 -27.13 -19.88 0.77
CA THR A 232 -27.21 -19.21 2.06
C THR A 232 -25.93 -19.49 2.83
N TYR A 233 -25.53 -18.51 3.64
CA TYR A 233 -24.34 -18.59 4.48
C TYR A 233 -24.73 -18.19 5.89
N THR A 234 -24.41 -19.07 6.85
CA THR A 234 -24.83 -18.94 8.23
C THR A 234 -23.68 -19.38 9.14
N GLY A 235 -23.90 -19.25 10.45
CA GLY A 235 -22.92 -19.60 11.45
C GLY A 235 -22.36 -18.41 12.21
N HIS A 236 -22.47 -17.21 11.64
CA HIS A 236 -22.05 -15.98 12.29
C HIS A 236 -23.23 -15.34 13.03
N LYS A 237 -22.98 -14.21 13.67
CA LYS A 237 -23.99 -13.49 14.43
C LYS A 237 -24.17 -12.11 13.81
N ASN A 238 -25.39 -11.83 13.34
CA ASN A 238 -25.72 -10.52 12.77
C ASN A 238 -27.20 -10.26 13.06
N GLU A 239 -27.47 -9.59 14.18
CA GLU A 239 -28.81 -9.28 14.61
C GLU A 239 -29.05 -7.79 14.82
N LYS A 240 -28.01 -6.99 14.89
CA LYS A 240 -28.10 -5.61 15.36
C LYS A 240 -27.56 -4.58 14.38
N TYR A 241 -26.45 -4.88 13.70
CA TYR A 241 -25.72 -3.88 12.94
C TYR A 241 -25.68 -4.22 11.45
N CYS A 242 -25.56 -3.18 10.64
CA CYS A 242 -25.43 -3.33 9.19
C CYS A 242 -23.97 -3.66 8.89
N ILE A 243 -23.68 -4.94 8.79
CA ILE A 243 -22.33 -5.42 8.53
C ILE A 243 -22.20 -5.71 7.06
N PHE A 244 -21.20 -5.10 6.42
CA PHE A 244 -21.01 -5.30 4.99
C PHE A 244 -20.30 -6.61 4.72
N ALA A 245 -20.68 -7.27 3.64
CA ALA A 245 -20.08 -8.51 3.19
C ALA A 245 -19.37 -8.27 1.85
N ASN A 246 -18.44 -9.16 1.53
CA ASN A 246 -17.62 -9.04 0.34
C ASN A 246 -17.56 -10.36 -0.41
N PHE A 247 -17.38 -10.24 -1.73
CA PHE A 247 -16.88 -11.34 -2.55
C PHE A 247 -15.36 -11.23 -2.58
N SER A 248 -14.68 -12.30 -2.19
CA SER A 248 -13.23 -12.39 -2.31
C SER A 248 -12.90 -13.20 -3.55
N VAL A 249 -12.17 -12.59 -4.50
CA VAL A 249 -11.98 -13.16 -5.83
C VAL A 249 -10.52 -13.26 -6.24
N THR A 250 -9.59 -12.76 -5.44
CA THR A 250 -8.18 -12.78 -5.85
C THR A 250 -7.56 -14.17 -5.75
N GLY A 251 -7.98 -14.98 -4.81
CA GLY A 251 -7.53 -16.35 -4.71
C GLY A 251 -8.67 -17.31 -4.83
N GLY A 252 -8.93 -18.11 -3.79
CA GLY A 252 -10.16 -18.85 -3.73
C GLY A 252 -11.36 -17.92 -3.71
N LYS A 253 -12.50 -18.45 -4.12
CA LYS A 253 -13.72 -17.65 -4.25
C LYS A 253 -14.45 -17.73 -2.91
N TRP A 254 -14.35 -16.67 -2.11
CA TRP A 254 -14.92 -16.69 -0.77
C TRP A 254 -16.01 -15.64 -0.62
N ILE A 255 -16.84 -15.85 0.39
CA ILE A 255 -17.69 -14.81 0.95
C ILE A 255 -17.07 -14.41 2.27
N VAL A 256 -16.93 -13.11 2.51
CA VAL A 256 -16.29 -12.58 3.72
C VAL A 256 -17.27 -11.65 4.44
N SER A 257 -17.37 -11.78 5.76
CA SER A 257 -18.22 -10.87 6.51
C SER A 257 -17.74 -10.69 7.94
N GLY A 258 -18.01 -9.53 8.52
CA GLY A 258 -17.84 -9.32 9.93
C GLY A 258 -18.94 -10.03 10.72
N SER A 259 -18.81 -9.97 12.04
CA SER A 259 -19.78 -10.64 12.89
C SER A 259 -19.88 -9.92 14.23
N GLU A 260 -21.04 -10.06 14.88
CA GLU A 260 -21.27 -9.47 16.19
C GLU A 260 -20.65 -10.28 17.32
N ASP A 261 -20.07 -11.44 17.02
CA ASP A 261 -19.26 -12.18 17.98
C ASP A 261 -17.76 -11.86 17.84
N ASN A 262 -17.43 -10.72 17.24
CA ASN A 262 -16.08 -10.16 17.16
C ASN A 262 -15.16 -10.90 16.18
N LEU A 263 -15.71 -11.73 15.29
CA LEU A 263 -14.88 -12.52 14.38
C LEU A 263 -15.12 -12.11 12.94
N VAL A 264 -14.13 -12.39 12.10
CA VAL A 264 -14.33 -12.34 10.65
C VAL A 264 -14.66 -13.75 10.19
N TYR A 265 -15.72 -13.89 9.39
CA TYR A 265 -16.12 -15.19 8.86
C TYR A 265 -15.79 -15.25 7.37
N ILE A 266 -15.29 -16.40 6.93
CA ILE A 266 -14.96 -16.65 5.53
C ILE A 266 -15.57 -17.99 5.14
N TRP A 267 -16.46 -17.97 4.15
CA TRP A 267 -17.16 -19.13 3.62
C TRP A 267 -16.69 -19.44 2.21
N ASN A 268 -16.71 -20.73 1.86
CA ASN A 268 -16.57 -21.14 0.47
C ASN A 268 -17.85 -20.74 -0.27
N LEU A 269 -17.69 -19.97 -1.34
CA LEU A 269 -18.86 -19.40 -2.02
C LEU A 269 -19.78 -20.50 -2.57
N GLN A 270 -19.19 -21.57 -3.10
CA GLN A 270 -19.99 -22.60 -3.76
C GLN A 270 -20.56 -23.62 -2.78
N THR A 271 -19.74 -24.10 -1.84
CA THR A 271 -20.18 -25.15 -0.93
C THR A 271 -20.86 -24.60 0.33
N LYS A 272 -20.68 -23.32 0.62
CA LYS A 272 -21.26 -22.61 1.76
C LYS A 272 -20.65 -23.02 3.10
N GLU A 273 -19.64 -23.88 3.10
CA GLU A 273 -18.94 -24.22 4.34
C GLU A 273 -18.13 -23.02 4.83
N ILE A 274 -18.01 -22.91 6.16
CA ILE A 274 -17.10 -21.93 6.75
C ILE A 274 -15.68 -22.47 6.59
N VAL A 275 -14.84 -21.70 5.92
CA VAL A 275 -13.45 -22.11 5.70
C VAL A 275 -12.47 -21.41 6.63
N GLN A 276 -12.85 -20.27 7.23
CA GLN A 276 -11.95 -19.71 8.23
C GLN A 276 -12.68 -18.69 9.09
N LYS A 277 -12.22 -18.58 10.34
CA LYS A 277 -12.66 -17.52 11.26
C LYS A 277 -11.43 -16.78 11.76
N LEU A 278 -11.43 -15.46 11.61
CA LEU A 278 -10.32 -14.61 12.01
C LEU A 278 -10.63 -14.00 13.37
N GLN A 279 -9.76 -14.28 14.35
CA GLN A 279 -9.93 -13.84 15.73
C GLN A 279 -8.87 -12.80 16.08
N GLY A 280 -9.24 -11.87 16.96
CA GLY A 280 -8.35 -10.83 17.42
C GLY A 280 -9.04 -9.50 17.71
N HIS A 281 -10.16 -9.22 17.05
CA HIS A 281 -10.93 -8.03 17.40
C HIS A 281 -11.63 -8.22 18.73
N THR A 282 -11.91 -7.10 19.40
CA THR A 282 -12.51 -7.10 20.73
C THR A 282 -13.87 -6.42 20.75
N ASP A 283 -14.52 -6.30 19.60
CA ASP A 283 -15.88 -5.77 19.51
C ASP A 283 -16.46 -6.22 18.18
N VAL A 284 -17.72 -5.85 17.95
CA VAL A 284 -18.38 -6.16 16.68
C VAL A 284 -17.49 -5.75 15.52
N VAL A 285 -17.22 -6.69 14.63
CA VAL A 285 -16.50 -6.36 13.40
C VAL A 285 -17.54 -5.78 12.44
N ILE A 286 -17.57 -4.45 12.34
CA ILE A 286 -18.62 -3.77 11.59
C ILE A 286 -18.33 -3.77 10.09
N SER A 287 -17.06 -3.90 9.69
CA SER A 287 -16.79 -3.76 8.26
C SER A 287 -15.61 -4.62 7.86
N THR A 288 -15.67 -5.19 6.65
CA THR A 288 -14.55 -5.88 6.02
C THR A 288 -14.43 -5.43 4.56
N ALA A 289 -13.23 -5.56 4.02
CA ALA A 289 -12.97 -5.26 2.62
C ALA A 289 -11.91 -6.21 2.09
N CYS A 290 -12.01 -6.53 0.81
CA CYS A 290 -11.07 -7.43 0.15
C CYS A 290 -10.25 -6.65 -0.87
N HIS A 291 -8.93 -6.80 -0.80
CA HIS A 291 -8.03 -6.12 -1.70
C HIS A 291 -8.29 -6.55 -3.15
N PRO A 292 -8.19 -5.64 -4.12
CA PRO A 292 -8.58 -6.00 -5.49
C PRO A 292 -7.60 -6.90 -6.23
N THR A 293 -6.33 -6.98 -5.80
CA THR A 293 -5.39 -7.84 -6.50
C THR A 293 -4.67 -8.84 -5.59
N GLU A 294 -4.50 -8.52 -4.31
CA GLU A 294 -3.82 -9.41 -3.38
C GLU A 294 -4.83 -10.06 -2.43
N ASN A 295 -4.44 -11.22 -1.87
CA ASN A 295 -5.28 -11.91 -0.90
C ASN A 295 -5.12 -11.26 0.47
N ILE A 296 -5.69 -10.05 0.58
CA ILE A 296 -5.59 -9.22 1.77
C ILE A 296 -6.99 -8.80 2.19
N ILE A 297 -7.29 -8.95 3.49
CA ILE A 297 -8.56 -8.51 4.06
C ILE A 297 -8.30 -7.41 5.08
N ALA A 298 -9.11 -6.35 5.02
CA ALA A 298 -9.15 -5.33 6.05
C ALA A 298 -10.43 -5.50 6.84
N SER A 299 -10.32 -5.39 8.16
CA SER A 299 -11.47 -5.52 9.05
C SER A 299 -11.46 -4.38 10.06
N ALA A 300 -12.64 -3.99 10.52
CA ALA A 300 -12.72 -2.89 11.48
C ALA A 300 -13.93 -3.08 12.38
N ALA A 301 -13.81 -2.52 13.58
CA ALA A 301 -14.61 -2.88 14.75
C ALA A 301 -15.12 -1.65 15.48
N LEU A 302 -16.08 -1.89 16.38
CA LEU A 302 -16.85 -0.86 17.07
C LEU A 302 -16.14 -0.40 18.35
N GLU A 303 -16.89 0.26 19.24
CA GLU A 303 -16.33 1.19 20.24
C GLU A 303 -15.32 0.53 21.17
N ASN A 304 -15.52 -0.74 21.54
CA ASN A 304 -14.58 -1.35 22.46
C ASN A 304 -13.21 -1.57 21.83
N ASP A 305 -13.14 -1.55 20.50
CA ASP A 305 -11.93 -1.92 19.78
C ASP A 305 -11.36 -0.75 18.97
N LYS A 306 -12.14 -0.18 18.08
CA LYS A 306 -11.78 1.02 17.29
C LYS A 306 -10.56 0.83 16.40
N THR A 307 -10.08 -0.40 16.20
CA THR A 307 -8.93 -0.64 15.35
C THR A 307 -9.32 -1.26 14.02
N ILE A 308 -8.40 -1.14 13.06
CA ILE A 308 -8.46 -1.80 11.76
C ILE A 308 -7.35 -2.84 11.74
N LYS A 309 -7.69 -4.05 11.29
CA LYS A 309 -6.70 -5.10 11.14
C LYS A 309 -6.57 -5.52 9.68
N LEU A 310 -5.32 -5.76 9.26
CA LEU A 310 -5.02 -6.26 7.93
C LEU A 310 -4.56 -7.71 8.05
N TRP A 311 -5.10 -8.57 7.19
CA TRP A 311 -4.83 -9.99 7.22
C TRP A 311 -4.38 -10.42 5.82
N LYS A 312 -3.48 -11.39 5.77
CA LYS A 312 -3.02 -11.86 4.45
C LYS A 312 -2.99 -13.38 4.39
N SER A 313 -3.38 -13.92 3.23
CA SER A 313 -3.45 -15.35 2.98
C SER A 313 -2.67 -15.68 1.71
N ASP A 314 -2.20 -16.93 1.63
CA ASP A 314 -1.55 -17.40 0.40
C ASP A 314 -2.54 -17.75 -0.70
N CYS A 315 -3.79 -18.02 -0.34
CA CYS A 315 -4.85 -18.21 -1.32
C CYS A 315 -6.12 -17.52 -0.84
N GLY B 1 -21.45 9.98 17.49
CA GLY B 1 -21.58 8.69 16.85
C GLY B 1 -21.95 8.74 15.37
N ALA B 2 -22.15 7.57 14.78
CA ALA B 2 -22.64 7.42 13.42
C ALA B 2 -23.67 6.33 13.40
N ALA B 3 -24.66 6.46 12.51
CA ALA B 3 -25.77 5.51 12.47
C ALA B 3 -25.30 4.08 12.18
N LYS B 4 -24.25 3.93 11.37
CA LYS B 4 -23.69 2.60 11.12
C LYS B 4 -23.22 1.94 12.40
N CYS B 5 -22.73 2.71 13.36
CA CYS B 5 -22.15 2.19 14.59
C CYS B 5 -23.18 2.05 15.71
N ARG B 6 -24.45 2.36 15.45
CA ARG B 6 -25.55 2.15 16.37
C ARG B 6 -26.43 1.02 15.84
N VAL B 7 -27.26 0.47 16.73
CA VAL B 7 -28.19 -0.59 16.33
C VAL B 7 -29.09 -0.08 15.21
N PHE B 8 -29.33 -0.94 14.21
CA PHE B 8 -30.06 -0.57 13.01
C PHE B 8 -31.55 -0.70 13.26
N SER B 9 -32.25 0.44 13.36
CA SER B 9 -33.69 0.49 13.55
C SER B 9 -34.20 1.90 13.29
N PRO B 10 -35.47 2.08 12.88
CA PRO B 10 -36.01 3.44 12.77
C PRO B 10 -36.11 4.12 14.13
N VAL C 12 15.71 26.66 8.05
CA VAL C 12 15.73 25.49 8.91
C VAL C 12 16.81 24.50 8.45
N LYS C 13 17.61 24.02 9.40
CA LYS C 13 18.64 23.02 9.14
C LYS C 13 18.49 21.86 10.12
N PRO C 14 18.94 20.67 9.74
CA PRO C 14 18.95 19.53 10.67
C PRO C 14 20.16 19.62 11.60
N ASN C 15 20.11 18.82 12.66
CA ASN C 15 21.21 18.74 13.62
C ASN C 15 21.50 17.28 13.96
N TYR C 16 21.70 16.46 12.93
CA TYR C 16 22.00 15.05 13.13
C TYR C 16 23.25 14.87 13.98
N ALA C 17 23.18 13.92 14.90
CA ALA C 17 24.25 13.64 15.85
C ALA C 17 24.42 12.14 15.96
N LEU C 18 25.66 11.69 16.11
CA LEU C 18 25.92 10.26 16.20
C LEU C 18 25.36 9.70 17.49
N LYS C 19 24.68 8.55 17.39
CA LYS C 19 24.09 7.89 18.54
C LYS C 19 24.70 6.52 18.80
N PHE C 20 24.90 5.72 17.76
CA PHE C 20 25.47 4.38 17.93
C PHE C 20 26.36 4.05 16.74
N THR C 21 27.42 3.29 17.02
CA THR C 21 28.25 2.68 15.99
C THR C 21 28.11 1.16 16.09
N LEU C 22 27.70 0.54 14.99
CA LEU C 22 27.44 -0.90 14.94
C LEU C 22 28.61 -1.59 14.24
N ALA C 23 29.32 -2.43 14.97
CA ALA C 23 30.45 -3.17 14.45
C ALA C 23 30.16 -4.66 14.45
N GLY C 24 30.85 -5.40 13.59
CA GLY C 24 30.66 -6.83 13.51
C GLY C 24 30.80 -7.43 12.13
N HIS C 25 30.56 -6.67 11.07
CA HIS C 25 30.96 -7.12 9.75
C HIS C 25 32.49 -7.17 9.67
N THR C 26 33.01 -8.20 9.01
CA THR C 26 34.45 -8.40 8.90
C THR C 26 35.01 -7.94 7.56
N LYS C 27 34.17 -7.49 6.64
CA LYS C 27 34.59 -6.85 5.41
C LYS C 27 33.74 -5.60 5.19
N ALA C 28 33.99 -4.93 4.06
CA ALA C 28 33.27 -3.71 3.74
C ALA C 28 31.76 -3.95 3.81
N VAL C 29 31.02 -2.94 4.24
CA VAL C 29 29.57 -2.96 4.24
C VAL C 29 29.10 -2.46 2.87
N SER C 30 28.03 -3.04 2.34
CA SER C 30 27.58 -2.69 1.01
C SER C 30 26.23 -1.95 0.99
N SER C 31 25.32 -2.25 1.90
CA SER C 31 24.05 -1.55 1.97
CA SER C 31 24.02 -1.59 1.95
C SER C 31 23.46 -1.63 3.36
N VAL C 32 22.65 -0.62 3.71
CA VAL C 32 21.87 -0.59 4.93
C VAL C 32 20.46 -0.15 4.56
N LYS C 33 19.46 -0.83 5.13
CA LYS C 33 18.05 -0.57 4.86
C LYS C 33 17.24 -0.69 6.14
N PHE C 34 16.41 0.31 6.45
CA PHE C 34 15.45 0.20 7.53
C PHE C 34 14.23 -0.60 7.09
N SER C 35 13.70 -1.44 7.99
CA SER C 35 12.47 -2.15 7.67
C SER C 35 11.34 -1.15 7.51
N PRO C 36 10.35 -1.46 6.66
CA PRO C 36 9.19 -0.56 6.54
C PRO C 36 8.48 -0.28 7.85
N ASN C 37 8.42 -1.25 8.76
CA ASN C 37 7.79 -1.01 10.06
C ASN C 37 8.70 -0.28 11.05
N GLY C 38 9.93 0.04 10.65
CA GLY C 38 10.79 0.91 11.44
C GLY C 38 11.54 0.24 12.57
N GLU C 39 11.32 -1.05 12.82
CA GLU C 39 11.90 -1.71 13.98
C GLU C 39 13.35 -2.08 13.78
N TRP C 40 13.76 -2.33 12.54
CA TRP C 40 15.02 -2.99 12.26
C TRP C 40 15.82 -2.24 11.21
N LEU C 41 17.14 -2.45 11.29
CA LEU C 41 18.07 -2.10 10.23
C LEU C 41 18.72 -3.38 9.74
N ALA C 42 18.71 -3.59 8.43
CA ALA C 42 19.42 -4.70 7.82
C ALA C 42 20.68 -4.17 7.15
N SER C 43 21.76 -4.94 7.24
CA SER C 43 23.01 -4.60 6.61
C SER C 43 23.48 -5.79 5.80
N SER C 44 24.02 -5.51 4.61
CA SER C 44 24.69 -6.49 3.79
C SER C 44 26.17 -6.14 3.72
N SER C 45 27.01 -7.13 3.49
CA SER C 45 28.45 -6.90 3.48
C SER C 45 29.14 -7.77 2.45
N ALA C 46 30.34 -7.33 2.08
CA ALA C 46 31.23 -8.15 1.27
C ALA C 46 31.66 -9.40 2.01
N ASP C 47 31.44 -9.48 3.33
CA ASP C 47 31.80 -10.65 4.12
C ASP C 47 30.78 -11.79 3.99
N LYS C 48 29.84 -11.70 3.05
CA LYS C 48 28.86 -12.72 2.69
C LYS C 48 27.65 -12.75 3.62
N LEU C 49 27.49 -11.80 4.53
CA LEU C 49 26.51 -11.89 5.61
C LEU C 49 25.51 -10.75 5.56
N ILE C 50 24.30 -11.03 6.06
CA ILE C 50 23.31 -10.01 6.41
C ILE C 50 23.22 -9.95 7.93
N LYS C 51 23.16 -8.75 8.48
CA LYS C 51 22.99 -8.57 9.91
C LYS C 51 21.76 -7.72 10.19
N ILE C 52 21.00 -8.13 11.20
CA ILE C 52 19.78 -7.45 11.62
C ILE C 52 20.08 -6.79 12.95
N TRP C 53 19.79 -5.48 13.05
CA TRP C 53 20.05 -4.68 14.22
C TRP C 53 18.78 -3.93 14.63
N GLY C 54 18.70 -3.59 15.92
CA GLY C 54 17.62 -2.74 16.38
C GLY C 54 17.78 -1.33 15.83
N ALA C 55 16.70 -0.78 15.28
CA ALA C 55 16.80 0.51 14.61
C ALA C 55 16.94 1.66 15.59
N TYR C 56 16.39 1.50 16.81
CA TYR C 56 16.41 2.56 17.80
C TYR C 56 17.56 2.44 18.77
N ASP C 57 18.08 1.23 18.99
CA ASP C 57 19.13 1.01 19.96
C ASP C 57 20.41 0.41 19.36
N GLY C 58 20.43 0.13 18.06
CA GLY C 58 21.60 -0.43 17.42
C GLY C 58 21.99 -1.81 17.90
N LYS C 59 21.20 -2.42 18.78
CA LYS C 59 21.53 -3.72 19.34
C LYS C 59 21.59 -4.76 18.24
N PHE C 60 22.71 -5.47 18.15
CA PHE C 60 22.79 -6.61 17.24
C PHE C 60 21.65 -7.58 17.52
N GLU C 61 20.93 -7.97 16.47
CA GLU C 61 19.82 -8.89 16.60
C GLU C 61 20.13 -10.27 16.02
N LYS C 62 20.61 -10.36 14.78
CA LYS C 62 20.93 -11.68 14.25
C LYS C 62 21.83 -11.57 13.01
N THR C 63 22.36 -12.72 12.60
CA THR C 63 23.12 -12.87 11.37
C THR C 63 22.46 -13.90 10.47
N ILE C 64 22.33 -13.56 9.19
CA ILE C 64 21.72 -14.40 8.17
C ILE C 64 22.79 -14.72 7.13
N SER C 65 22.99 -16.00 6.86
CA SER C 65 24.09 -16.47 6.02
C SER C 65 23.61 -17.52 5.02
N GLY C 66 24.46 -17.81 4.04
CA GLY C 66 24.14 -18.72 2.97
C GLY C 66 24.70 -18.36 1.61
N HIS C 67 24.96 -17.08 1.34
CA HIS C 67 25.59 -16.68 0.09
C HIS C 67 27.06 -17.11 0.06
N LYS C 68 27.50 -17.59 -1.10
CA LYS C 68 28.86 -18.09 -1.28
C LYS C 68 29.87 -17.01 -1.63
N LEU C 69 29.43 -15.79 -1.90
CA LEU C 69 30.29 -14.64 -2.14
C LEU C 69 29.64 -13.42 -1.51
N GLY C 70 30.29 -12.28 -1.62
CA GLY C 70 29.79 -11.07 -0.98
C GLY C 70 28.43 -10.65 -1.50
N ILE C 71 27.80 -9.74 -0.75
CA ILE C 71 26.46 -9.25 -1.04
C ILE C 71 26.57 -7.76 -1.32
N SER C 72 25.98 -7.32 -2.44
CA SER C 72 26.01 -5.91 -2.82
C SER C 72 24.79 -5.12 -2.36
N ASP C 73 23.67 -5.78 -2.05
CA ASP C 73 22.43 -5.06 -1.80
C ASP C 73 21.46 -5.97 -1.07
N VAL C 74 20.54 -5.34 -0.34
CA VAL C 74 19.50 -6.08 0.36
C VAL C 74 18.27 -5.18 0.40
N ALA C 75 17.09 -5.80 0.49
CA ALA C 75 15.83 -5.05 0.46
C ALA C 75 14.74 -5.81 1.20
N TRP C 76 13.82 -5.05 1.81
CA TRP C 76 12.74 -5.56 2.64
C TRP C 76 11.43 -5.66 1.87
N SER C 77 10.64 -6.69 2.17
CA SER C 77 9.25 -6.69 1.72
C SER C 77 8.44 -5.65 2.49
N SER C 78 7.29 -5.27 1.92
CA SER C 78 6.47 -4.21 2.51
CA SER C 78 6.47 -4.21 2.51
C SER C 78 6.01 -4.54 3.92
N ASP C 79 5.79 -5.82 4.23
CA ASP C 79 5.33 -6.18 5.57
C ASP C 79 6.48 -6.47 6.53
N SER C 80 7.73 -6.23 6.11
CA SER C 80 8.95 -6.40 6.91
C SER C 80 9.24 -7.85 7.29
N ASN C 81 8.57 -8.82 6.67
CA ASN C 81 8.82 -10.21 7.05
C ASN C 81 9.89 -10.88 6.19
N LEU C 82 10.15 -10.38 4.99
CA LEU C 82 11.12 -11.00 4.10
C LEU C 82 12.23 -10.03 3.74
N LEU C 83 13.40 -10.60 3.42
CA LEU C 83 14.49 -9.86 2.79
C LEU C 83 14.83 -10.51 1.46
N VAL C 84 15.26 -9.70 0.51
CA VAL C 84 15.91 -10.19 -0.70
C VAL C 84 17.33 -9.64 -0.75
N SER C 85 18.28 -10.49 -1.12
CA SER C 85 19.69 -10.08 -1.21
C SER C 85 20.25 -10.45 -2.58
N ALA C 86 21.22 -9.66 -3.01
CA ALA C 86 21.89 -9.80 -4.30
C ALA C 86 23.38 -10.01 -4.08
N SER C 87 23.96 -11.05 -4.71
CA SER C 87 25.33 -11.47 -4.42
C SER C 87 26.19 -11.59 -5.67
N ASP C 88 27.51 -11.57 -5.45
CA ASP C 88 28.48 -11.90 -6.48
C ASP C 88 28.40 -13.35 -6.91
N ASP C 89 27.71 -14.21 -6.16
CA ASP C 89 27.51 -15.60 -6.58
C ASP C 89 26.46 -15.74 -7.67
N LYS C 90 26.04 -14.63 -8.29
CA LYS C 90 25.11 -14.56 -9.41
C LYS C 90 23.67 -14.89 -9.04
N THR C 91 23.36 -15.05 -7.76
CA THR C 91 22.00 -15.34 -7.33
C THR C 91 21.47 -14.23 -6.44
N LEU C 92 20.15 -14.20 -6.31
CA LEU C 92 19.50 -13.52 -5.20
C LEU C 92 18.92 -14.56 -4.25
N LYS C 93 18.73 -14.18 -3.00
CA LYS C 93 18.07 -15.07 -2.06
C LYS C 93 16.95 -14.33 -1.33
N ILE C 94 15.83 -15.02 -1.17
CA ILE C 94 14.69 -14.55 -0.39
C ILE C 94 14.74 -15.26 0.96
N TRP C 95 14.77 -14.46 2.03
CA TRP C 95 14.96 -14.90 3.39
C TRP C 95 13.74 -14.58 4.24
N ASP C 96 13.37 -15.51 5.10
CA ASP C 96 12.47 -15.25 6.22
C ASP C 96 13.28 -14.63 7.36
N VAL C 97 12.97 -13.37 7.69
CA VAL C 97 13.82 -12.63 8.62
C VAL C 97 13.73 -13.21 10.03
N SER C 98 12.52 -13.59 10.47
CA SER C 98 12.35 -14.04 11.85
C SER C 98 13.08 -15.35 12.13
N SER C 99 13.15 -16.25 11.15
CA SER C 99 13.84 -17.51 11.33
C SER C 99 15.24 -17.53 10.71
N GLY C 100 15.56 -16.57 9.84
CA GLY C 100 16.84 -16.55 9.17
C GLY C 100 16.99 -17.57 8.06
N LYS C 101 15.92 -18.28 7.72
CA LYS C 101 15.99 -19.36 6.75
C LYS C 101 15.91 -18.80 5.35
N CYS C 102 16.77 -19.30 4.46
CA CYS C 102 16.65 -18.94 3.05
C CYS C 102 15.42 -19.65 2.48
N LEU C 103 14.43 -18.88 2.07
CA LEU C 103 13.23 -19.46 1.49
C LEU C 103 13.42 -19.79 0.01
N LYS C 104 14.11 -18.93 -0.73
CA LYS C 104 14.28 -19.21 -2.15
C LYS C 104 15.61 -18.67 -2.64
N THR C 105 16.15 -19.33 -3.68
CA THR C 105 17.32 -18.85 -4.39
C THR C 105 16.92 -18.56 -5.83
N LEU C 106 17.05 -17.29 -6.23
CA LEU C 106 16.73 -16.81 -7.56
C LEU C 106 17.99 -16.94 -8.42
N LYS C 107 17.97 -17.91 -9.32
CA LYS C 107 19.08 -18.24 -10.20
C LYS C 107 18.73 -17.86 -11.63
N GLY C 108 19.72 -17.40 -12.38
CA GLY C 108 19.49 -16.98 -13.76
C GLY C 108 20.33 -15.82 -14.25
N HIS C 109 20.78 -14.95 -13.34
CA HIS C 109 21.78 -13.96 -13.73
C HIS C 109 23.10 -14.67 -14.02
N SER C 110 23.84 -14.16 -15.01
CA SER C 110 25.10 -14.77 -15.42
C SER C 110 26.32 -14.00 -14.91
N ASN C 111 26.12 -12.99 -14.07
CA ASN C 111 27.23 -12.27 -13.46
C ASN C 111 26.74 -11.71 -12.12
N TYR C 112 27.54 -10.83 -11.52
CA TYR C 112 27.22 -10.31 -10.20
C TYR C 112 25.83 -9.68 -10.19
N VAL C 113 25.05 -9.99 -9.18
CA VAL C 113 23.79 -9.30 -8.95
C VAL C 113 24.10 -8.09 -8.06
N PHE C 114 23.83 -6.89 -8.58
CA PHE C 114 24.27 -5.65 -7.98
C PHE C 114 23.20 -4.98 -7.12
N CYS C 115 21.93 -5.10 -7.48
CA CYS C 115 20.86 -4.32 -6.86
C CYS C 115 19.56 -5.11 -6.91
N CYS C 116 18.64 -4.79 -5.99
CA CYS C 116 17.40 -5.54 -5.88
C CYS C 116 16.38 -4.74 -5.08
N ASN C 117 15.10 -5.08 -5.29
CA ASN C 117 14.00 -4.42 -4.59
C ASN C 117 12.72 -5.22 -4.76
N PHE C 118 11.87 -5.19 -3.74
CA PHE C 118 10.48 -5.62 -3.86
C PHE C 118 9.64 -4.51 -4.48
N ASN C 119 8.54 -4.90 -5.13
CA ASN C 119 7.51 -3.90 -5.39
C ASN C 119 6.67 -3.75 -4.12
N PRO C 120 5.89 -2.66 -4.02
CA PRO C 120 5.06 -2.48 -2.82
C PRO C 120 4.14 -3.65 -2.53
N GLN C 121 3.45 -4.21 -3.54
CA GLN C 121 2.62 -5.38 -3.29
C GLN C 121 3.44 -6.55 -2.79
N SER C 122 4.74 -6.56 -3.11
CA SER C 122 5.70 -7.57 -2.66
C SER C 122 5.47 -8.93 -3.29
N ASN C 123 4.74 -9.00 -4.41
CA ASN C 123 4.69 -10.24 -5.18
C ASN C 123 5.79 -10.30 -6.24
N LEU C 124 6.52 -9.21 -6.46
CA LEU C 124 7.57 -9.16 -7.46
C LEU C 124 8.87 -8.68 -6.83
N ILE C 125 9.99 -9.18 -7.35
CA ILE C 125 11.31 -8.63 -7.06
C ILE C 125 11.95 -8.19 -8.37
N VAL C 126 12.55 -7.00 -8.37
CA VAL C 126 13.34 -6.53 -9.50
C VAL C 126 14.82 -6.62 -9.14
N SER C 127 15.65 -7.00 -10.10
CA SER C 127 17.08 -7.13 -9.87
C SER C 127 17.84 -6.60 -11.08
N GLY C 128 19.05 -6.11 -10.82
CA GLY C 128 19.95 -5.71 -11.87
C GLY C 128 21.31 -6.32 -11.65
N SER C 129 22.05 -6.49 -12.74
CA SER C 129 23.25 -7.30 -12.65
C SER C 129 24.34 -6.76 -13.56
N PHE C 130 25.57 -7.19 -13.26
CA PHE C 130 26.69 -6.95 -14.17
C PHE C 130 26.44 -7.59 -15.53
N ASP C 131 25.54 -8.57 -15.60
CA ASP C 131 25.24 -9.14 -16.92
C ASP C 131 24.42 -8.20 -17.80
N GLU C 132 24.20 -6.93 -17.41
CA GLU C 132 23.57 -5.86 -18.19
C GLU C 132 22.05 -5.99 -18.26
N SER C 133 21.45 -6.95 -17.57
CA SER C 133 20.01 -7.20 -17.65
C SER C 133 19.30 -6.77 -16.38
N VAL C 134 18.01 -6.47 -16.53
CA VAL C 134 17.11 -6.27 -15.39
C VAL C 134 16.13 -7.42 -15.38
N ARG C 135 16.02 -8.13 -14.27
CA ARG C 135 15.14 -9.27 -14.19
C ARG C 135 13.99 -9.01 -13.22
N ILE C 136 12.80 -9.44 -13.61
CA ILE C 136 11.59 -9.36 -12.78
C ILE C 136 11.20 -10.78 -12.41
N TRP C 137 11.12 -11.05 -11.10
CA TRP C 137 10.90 -12.38 -10.55
C TRP C 137 9.61 -12.43 -9.73
N ASP C 138 9.08 -13.66 -9.62
CA ASP C 138 7.89 -13.97 -8.83
C ASP C 138 8.32 -14.42 -7.44
N VAL C 139 7.83 -13.71 -6.42
CA VAL C 139 8.23 -14.01 -5.05
C VAL C 139 7.76 -15.40 -4.63
N LYS C 140 6.53 -15.76 -4.99
CA LYS C 140 5.94 -16.99 -4.45
C LYS C 140 6.60 -18.23 -5.01
N THR C 141 6.98 -18.21 -6.29
CA THR C 141 7.59 -19.37 -6.94
C THR C 141 9.08 -19.23 -7.18
N GLY C 142 9.63 -18.02 -7.10
CA GLY C 142 11.05 -17.85 -7.35
C GLY C 142 11.45 -17.96 -8.80
N LYS C 143 10.50 -17.86 -9.72
CA LYS C 143 10.75 -17.98 -11.14
C LYS C 143 10.99 -16.59 -11.73
N CYS C 144 11.83 -16.55 -12.77
CA CYS C 144 12.04 -15.29 -13.48
C CYS C 144 10.89 -15.08 -14.46
N LEU C 145 10.17 -13.96 -14.32
CA LEU C 145 9.07 -13.67 -15.22
C LEU C 145 9.51 -12.89 -16.45
N LYS C 146 10.43 -11.94 -16.29
CA LYS C 146 10.93 -11.23 -17.47
C LYS C 146 12.41 -10.94 -17.35
N THR C 147 13.11 -11.04 -18.47
CA THR C 147 14.51 -10.62 -18.59
C THR C 147 14.54 -9.45 -19.57
N LEU C 148 14.74 -8.24 -19.05
CA LEU C 148 14.82 -7.04 -19.86
C LEU C 148 16.26 -6.81 -20.30
N PRO C 149 16.54 -6.75 -21.61
CA PRO C 149 17.85 -6.30 -22.10
C PRO C 149 18.01 -4.81 -21.86
N ALA C 150 18.21 -4.44 -20.59
CA ALA C 150 17.97 -3.08 -20.14
C ALA C 150 19.08 -2.11 -20.56
N HIS C 151 20.34 -2.57 -20.53
CA HIS C 151 21.47 -1.66 -20.66
C HIS C 151 22.59 -2.38 -21.38
N SER C 152 23.63 -1.62 -21.73
CA SER C 152 24.80 -2.20 -22.39
C SER C 152 26.02 -2.21 -21.47
N ASP C 153 25.80 -2.08 -20.16
CA ASP C 153 26.86 -2.14 -19.17
C ASP C 153 26.21 -2.48 -17.83
N PRO C 154 27.00 -2.72 -16.78
CA PRO C 154 26.40 -3.18 -15.52
C PRO C 154 25.31 -2.24 -15.02
N VAL C 155 24.27 -2.84 -14.44
CA VAL C 155 23.14 -2.09 -13.92
C VAL C 155 23.39 -1.78 -12.44
N SER C 156 23.40 -0.50 -12.11
CA SER C 156 23.77 -0.05 -10.77
C SER C 156 22.59 0.00 -9.79
N ALA C 157 21.35 0.09 -10.27
CA ALA C 157 20.24 0.31 -9.35
C ALA C 157 18.93 -0.04 -10.04
N VAL C 158 17.99 -0.54 -9.25
CA VAL C 158 16.63 -0.84 -9.73
C VAL C 158 15.65 -0.49 -8.61
N HIS C 159 14.52 0.09 -8.98
CA HIS C 159 13.56 0.54 -7.97
C HIS C 159 12.17 0.60 -8.58
N PHE C 160 11.17 0.11 -7.84
CA PHE C 160 9.77 0.27 -8.17
C PHE C 160 9.24 1.60 -7.64
N ASN C 161 8.27 2.16 -8.35
CA ASN C 161 7.63 3.38 -7.87
C ASN C 161 6.56 3.05 -6.82
N ARG C 162 5.87 4.09 -6.35
CA ARG C 162 4.97 3.96 -5.21
C ARG C 162 3.88 2.93 -5.45
N ASP C 163 3.33 2.87 -6.66
CA ASP C 163 2.29 1.89 -6.98
C ASP C 163 2.81 0.66 -7.71
N GLY C 164 4.11 0.55 -7.94
CA GLY C 164 4.66 -0.64 -8.54
C GLY C 164 4.41 -0.79 -10.02
N SER C 165 3.75 0.16 -10.67
CA SER C 165 3.53 0.05 -12.11
C SER C 165 4.76 0.42 -12.93
N LEU C 166 5.80 0.98 -12.30
CA LEU C 166 7.00 1.41 -13.00
C LEU C 166 8.24 0.88 -12.30
N ILE C 167 9.27 0.61 -13.11
CA ILE C 167 10.62 0.32 -12.64
C ILE C 167 11.56 1.38 -13.21
N VAL C 168 12.50 1.85 -12.40
CA VAL C 168 13.57 2.69 -12.90
C VAL C 168 14.89 1.96 -12.73
N SER C 169 15.72 1.97 -13.77
CA SER C 169 17.03 1.36 -13.71
C SER C 169 18.07 2.38 -14.16
N SER C 170 19.31 2.15 -13.70
CA SER C 170 20.45 2.97 -14.06
C SER C 170 21.62 2.06 -14.39
N SER C 171 22.58 2.58 -15.14
CA SER C 171 23.69 1.73 -15.58
C SER C 171 24.96 2.54 -15.77
N TYR C 172 26.08 1.82 -15.75
CA TYR C 172 27.35 2.39 -16.17
C TYR C 172 27.28 2.93 -17.60
N ASP C 173 26.35 2.43 -18.41
CA ASP C 173 26.29 2.87 -19.80
C ASP C 173 25.85 4.31 -19.96
N GLY C 174 25.48 4.98 -18.86
CA GLY C 174 25.10 6.38 -18.90
C GLY C 174 23.61 6.67 -18.90
N LEU C 175 22.77 5.66 -18.99
CA LEU C 175 21.34 5.85 -19.18
C LEU C 175 20.57 5.66 -17.87
N CYS C 176 19.46 6.39 -17.74
CA CYS C 176 18.39 5.97 -16.83
C CYS C 176 17.18 5.56 -17.64
N ARG C 177 16.54 4.46 -17.27
CA ARG C 177 15.39 3.99 -18.03
C ARG C 177 14.20 3.73 -17.12
N ILE C 178 13.03 4.18 -17.60
CA ILE C 178 11.72 3.92 -16.99
C ILE C 178 11.02 2.84 -17.79
N TRP C 179 10.60 1.79 -17.10
CA TRP C 179 10.01 0.58 -17.64
C TRP C 179 8.61 0.41 -17.10
N ASP C 180 7.68 0.03 -17.98
CA ASP C 180 6.38 -0.46 -17.55
C ASP C 180 6.51 -1.87 -16.98
N THR C 181 6.12 -2.03 -15.71
CA THR C 181 6.26 -3.33 -15.06
C THR C 181 5.45 -4.40 -15.79
N ALA C 182 4.22 -4.07 -16.17
CA ALA C 182 3.32 -5.07 -16.75
C ALA C 182 3.73 -5.43 -18.17
N SER C 183 4.07 -4.44 -18.99
CA SER C 183 4.39 -4.69 -20.40
C SER C 183 5.87 -4.89 -20.65
N GLY C 184 6.73 -4.58 -19.69
CA GLY C 184 8.15 -4.75 -19.87
C GLY C 184 8.79 -3.84 -20.88
N GLN C 185 8.08 -2.82 -21.36
CA GLN C 185 8.61 -1.95 -22.38
C GLN C 185 9.23 -0.71 -21.77
N CYS C 186 10.32 -0.24 -22.35
CA CYS C 186 10.95 0.98 -21.89
C CYS C 186 10.04 2.15 -22.23
N LEU C 187 9.58 2.85 -21.20
CA LEU C 187 8.75 4.03 -21.42
C LEU C 187 9.59 5.28 -21.63
N LYS C 188 10.79 5.33 -21.05
CA LYS C 188 11.57 6.56 -21.14
C LYS C 188 13.05 6.25 -20.95
N THR C 189 13.89 6.96 -21.70
CA THR C 189 15.34 6.89 -21.55
C THR C 189 15.86 8.30 -21.29
N LEU C 190 16.43 8.51 -20.12
CA LEU C 190 17.12 9.76 -19.79
C LEU C 190 18.58 9.65 -20.23
N ILE C 191 18.98 10.63 -21.04
CA ILE C 191 20.26 10.69 -21.74
C ILE C 191 20.97 11.97 -21.34
N ASP C 192 22.29 11.89 -21.24
CA ASP C 192 23.14 13.05 -21.00
C ASP C 192 24.27 12.96 -22.02
N ASP C 193 24.39 13.96 -22.89
CA ASP C 193 25.64 14.12 -23.61
C ASP C 193 26.74 14.35 -22.57
N ASP C 194 27.94 13.83 -22.84
CA ASP C 194 29.03 13.57 -21.91
C ASP C 194 28.83 12.26 -21.17
N ASN C 195 27.64 11.67 -21.20
CA ASN C 195 27.28 10.34 -20.74
C ASN C 195 28.05 9.84 -19.52
N PRO C 196 28.01 10.53 -18.38
CA PRO C 196 28.67 9.99 -17.19
C PRO C 196 27.98 8.72 -16.74
N PRO C 197 28.74 7.76 -16.22
CA PRO C 197 28.11 6.55 -15.67
C PRO C 197 27.08 6.92 -14.60
N VAL C 198 25.90 6.31 -14.69
CA VAL C 198 24.87 6.49 -13.67
C VAL C 198 25.05 5.39 -12.64
N SER C 199 25.27 5.78 -11.38
CA SER C 199 25.65 4.87 -10.31
C SER C 199 24.54 4.62 -9.30
N PHE C 200 23.42 5.34 -9.42
CA PHE C 200 22.31 5.21 -8.49
C PHE C 200 21.07 5.87 -9.07
N VAL C 201 19.91 5.28 -8.81
CA VAL C 201 18.63 5.91 -9.11
C VAL C 201 17.57 5.37 -8.17
N LYS C 202 16.60 6.23 -7.82
CA LYS C 202 15.38 5.75 -7.15
C LYS C 202 14.27 6.76 -7.39
N PHE C 203 13.04 6.28 -7.30
CA PHE C 203 11.87 7.14 -7.37
C PHE C 203 11.73 7.97 -6.09
N SER C 204 11.15 9.17 -6.24
CA SER C 204 10.78 9.97 -5.09
C SER C 204 9.62 9.29 -4.37
N PRO C 205 9.40 9.61 -3.09
CA PRO C 205 8.29 8.99 -2.37
C PRO C 205 6.96 9.09 -3.09
N ASN C 206 6.64 10.22 -3.72
CA ASN C 206 5.36 10.34 -4.39
C ASN C 206 5.36 9.78 -5.82
N GLY C 207 6.52 9.35 -6.34
CA GLY C 207 6.58 8.71 -7.63
C GLY C 207 6.70 9.64 -8.82
N LYS C 208 6.68 10.96 -8.61
CA LYS C 208 6.74 11.90 -9.73
C LYS C 208 8.15 12.20 -10.21
N TYR C 209 9.17 11.98 -9.39
CA TYR C 209 10.54 12.32 -9.73
C TYR C 209 11.43 11.10 -9.57
N ILE C 210 12.63 11.18 -10.15
CA ILE C 210 13.69 10.22 -9.86
C ILE C 210 14.93 10.98 -9.42
N LEU C 211 15.65 10.38 -8.48
CA LEU C 211 16.93 10.90 -7.99
C LEU C 211 18.02 10.01 -8.55
N ALA C 212 18.95 10.61 -9.32
CA ALA C 212 19.98 9.86 -10.03
C ALA C 212 21.36 10.41 -9.71
N ALA C 213 22.28 9.52 -9.35
CA ALA C 213 23.66 9.89 -9.09
C ALA C 213 24.51 9.53 -10.30
N THR C 214 25.43 10.42 -10.67
CA THR C 214 26.37 10.12 -11.74
C THR C 214 27.80 10.24 -11.21
N LEU C 215 28.71 9.48 -11.80
CA LEU C 215 30.07 9.40 -11.29
C LEU C 215 30.90 10.58 -11.76
N ASP C 216 30.35 11.78 -11.63
CA ASP C 216 31.04 13.04 -11.85
C ASP C 216 30.78 13.99 -10.67
N ASN C 217 30.57 13.41 -9.49
CA ASN C 217 30.35 14.15 -8.25
C ASN C 217 29.04 14.93 -8.27
N THR C 218 27.99 14.33 -8.83
CA THR C 218 26.74 15.03 -9.07
C THR C 218 25.54 14.14 -8.76
N LEU C 219 24.53 14.72 -8.11
CA LEU C 219 23.21 14.12 -7.96
C LEU C 219 22.17 15.01 -8.65
N LYS C 220 21.16 14.39 -9.26
CA LYS C 220 20.17 15.16 -10.01
C LYS C 220 18.78 14.66 -9.69
N LEU C 221 17.88 15.61 -9.49
CA LEU C 221 16.44 15.37 -9.40
C LEU C 221 15.83 15.64 -10.76
N TRP C 222 15.18 14.62 -11.33
CA TRP C 222 14.58 14.67 -12.66
C TRP C 222 13.07 14.46 -12.60
N ASP C 223 12.37 15.21 -13.43
CA ASP C 223 10.99 14.91 -13.84
C ASP C 223 11.12 14.04 -15.07
N TYR C 224 10.92 12.73 -14.90
CA TYR C 224 11.25 11.80 -15.96
C TYR C 224 10.26 11.85 -17.13
N SER C 225 8.98 12.11 -16.85
CA SER C 225 8.04 12.28 -17.95
C SER C 225 8.39 13.47 -18.82
N LYS C 226 8.58 14.64 -18.19
CA LYS C 226 9.04 15.81 -18.93
C LYS C 226 10.49 15.67 -19.38
N GLY C 227 11.24 14.74 -18.82
CA GLY C 227 12.64 14.60 -19.18
C GLY C 227 13.47 15.81 -18.83
N LYS C 228 13.10 16.53 -17.77
CA LYS C 228 13.77 17.74 -17.36
C LYS C 228 14.48 17.53 -16.03
N CYS C 229 15.71 18.03 -15.93
CA CYS C 229 16.43 18.04 -14.66
C CYS C 229 15.97 19.24 -13.84
N LEU C 230 15.34 18.99 -12.70
CA LEU C 230 14.92 20.11 -11.86
C LEU C 230 15.99 20.53 -10.87
N LYS C 231 16.74 19.58 -10.30
CA LYS C 231 17.68 19.96 -9.25
C LYS C 231 19.02 19.28 -9.46
N THR C 232 20.10 20.00 -9.14
CA THR C 232 21.44 19.42 -9.12
C THR C 232 22.10 19.69 -7.77
N TYR C 233 22.55 18.62 -7.12
CA TYR C 233 23.20 18.66 -5.83
C TYR C 233 24.67 18.27 -5.99
N THR C 234 25.56 19.12 -5.50
CA THR C 234 27.01 18.93 -5.59
C THR C 234 27.65 19.31 -4.26
N GLY C 235 28.99 19.22 -4.24
CA GLY C 235 29.77 19.48 -3.04
C GLY C 235 30.42 18.25 -2.44
N HIS C 236 29.90 17.07 -2.77
CA HIS C 236 30.39 15.79 -2.31
C HIS C 236 31.36 15.19 -3.34
N LYS C 237 31.90 14.02 -3.03
CA LYS C 237 32.82 13.32 -3.92
C LYS C 237 32.22 11.97 -4.29
N ASN C 238 31.93 11.78 -5.59
CA ASN C 238 31.40 10.50 -6.07
C ASN C 238 31.90 10.29 -7.49
N GLU C 239 33.05 9.62 -7.63
CA GLU C 239 33.64 9.31 -8.92
C GLU C 239 33.86 7.83 -9.16
N LYS C 240 33.77 7.00 -8.13
CA LYS C 240 34.24 5.63 -8.18
C LYS C 240 33.19 4.60 -7.83
N TYR C 241 32.36 4.87 -6.82
CA TYR C 241 31.50 3.86 -6.21
C TYR C 241 30.03 4.19 -6.41
N CYS C 242 29.21 3.15 -6.38
CA CYS C 242 27.76 3.31 -6.48
C CYS C 242 27.22 3.62 -5.08
N ILE C 243 27.11 4.91 -4.78
CA ILE C 243 26.69 5.37 -3.47
C ILE C 243 25.18 5.61 -3.47
N PHE C 244 24.50 5.02 -2.50
CA PHE C 244 23.05 5.17 -2.35
C PHE C 244 22.69 6.57 -1.87
N ALA C 245 21.63 7.14 -2.43
CA ALA C 245 21.09 8.41 -1.99
C ALA C 245 19.62 8.27 -1.60
N ASN C 246 19.12 9.22 -0.81
CA ASN C 246 17.79 9.10 -0.24
C ASN C 246 17.06 10.44 -0.20
N PHE C 247 15.73 10.35 -0.19
CA PHE C 247 14.86 11.43 0.22
C PHE C 247 14.59 11.29 1.71
N SER C 248 14.82 12.36 2.47
CA SER C 248 14.46 12.41 3.88
C SER C 248 13.22 13.27 4.04
N VAL C 249 12.14 12.68 4.54
CA VAL C 249 10.82 13.30 4.53
C VAL C 249 10.17 13.36 5.89
N THR C 250 10.77 12.78 6.93
CA THR C 250 10.14 12.76 8.25
C THR C 250 10.15 14.13 8.92
N GLY C 251 11.17 14.93 8.66
CA GLY C 251 11.23 16.29 9.20
C GLY C 251 11.29 17.30 8.08
N GLY C 252 12.40 18.03 8.00
CA GLY C 252 12.66 18.81 6.80
C GLY C 252 12.84 17.91 5.59
N LYS C 253 12.60 18.50 4.42
CA LYS C 253 12.69 17.76 3.16
C LYS C 253 14.13 17.83 2.69
N TRP C 254 14.88 16.75 2.89
CA TRP C 254 16.31 16.73 2.59
C TRP C 254 16.63 15.71 1.52
N ILE C 255 17.80 15.88 0.91
CA ILE C 255 18.46 14.87 0.11
C ILE C 255 19.69 14.42 0.90
N VAL C 256 19.87 13.10 1.04
CA VAL C 256 20.97 12.55 1.84
C VAL C 256 21.80 11.65 0.95
N SER C 257 23.13 11.72 1.09
CA SER C 257 24.00 10.83 0.33
C SER C 257 25.31 10.59 1.05
N GLY C 258 25.89 9.43 0.83
CA GLY C 258 27.26 9.18 1.23
C GLY C 258 28.23 9.89 0.29
N SER C 259 29.52 9.78 0.61
CA SER C 259 30.52 10.50 -0.16
C SER C 259 31.85 9.78 -0.02
N GLU C 260 32.71 9.97 -1.02
CA GLU C 260 34.02 9.33 -1.06
C GLU C 260 35.06 10.06 -0.21
N ASP C 261 34.70 11.18 0.41
CA ASP C 261 35.53 11.82 1.43
C ASP C 261 35.11 11.45 2.84
N ASN C 262 34.38 10.35 3.01
CA ASN C 262 34.01 9.70 4.27
C ASN C 262 32.93 10.45 5.04
N LEU C 263 32.22 11.38 4.40
CA LEU C 263 31.20 12.19 5.04
C LEU C 263 29.81 11.82 4.54
N VAL C 264 28.81 12.04 5.39
CA VAL C 264 27.42 12.02 4.93
C VAL C 264 27.02 13.46 4.59
N TYR C 265 26.49 13.67 3.40
CA TYR C 265 26.05 14.99 2.97
C TYR C 265 24.53 15.06 3.06
N ILE C 266 24.03 16.20 3.55
CA ILE C 266 22.61 16.48 3.63
C ILE C 266 22.38 17.85 3.00
N TRP C 267 21.55 17.86 1.95
CA TRP C 267 21.15 19.06 1.22
C TRP C 267 19.69 19.38 1.49
N ASN C 268 19.36 20.68 1.43
CA ASN C 268 17.98 21.11 1.30
C ASN C 268 17.48 20.76 -0.09
N LEU C 269 16.34 20.06 -0.16
CA LEU C 269 15.86 19.54 -1.45
C LEU C 269 15.52 20.67 -2.42
N GLN C 270 14.89 21.74 -1.92
CA GLN C 270 14.43 22.81 -2.80
C GLN C 270 15.56 23.74 -3.20
N THR C 271 16.33 24.24 -2.22
CA THR C 271 17.37 25.22 -2.50
C THR C 271 18.67 24.61 -3.01
N LYS C 272 18.85 23.30 -2.87
CA LYS C 272 20.05 22.57 -3.28
C LYS C 272 21.25 22.86 -2.40
N GLU C 273 21.10 23.72 -1.40
CA GLU C 273 22.17 24.03 -0.45
C GLU C 273 22.52 22.83 0.42
N ILE C 274 23.82 22.67 0.70
CA ILE C 274 24.25 21.76 1.75
C ILE C 274 23.79 22.31 3.09
N VAL C 275 23.12 21.47 3.87
CA VAL C 275 22.68 21.87 5.21
C VAL C 275 23.41 21.14 6.32
N GLN C 276 24.08 20.04 6.03
CA GLN C 276 24.89 19.41 7.08
C GLN C 276 25.84 18.40 6.48
N LYS C 277 27.00 18.24 7.12
CA LYS C 277 27.93 17.17 6.84
C LYS C 277 28.20 16.37 8.11
N LEU C 278 28.00 15.06 8.04
CA LEU C 278 28.18 14.16 9.17
C LEU C 278 29.55 13.52 9.06
N GLN C 279 30.38 13.72 10.08
CA GLN C 279 31.74 13.22 10.12
C GLN C 279 31.85 12.11 11.16
N GLY C 280 32.77 11.18 10.93
CA GLY C 280 33.03 10.10 11.86
C GLY C 280 33.36 8.76 11.22
N HIS C 281 32.89 8.53 10.00
CA HIS C 281 33.33 7.36 9.26
C HIS C 281 34.77 7.54 8.80
N THR C 282 35.47 6.42 8.60
CA THR C 282 36.88 6.44 8.20
C THR C 282 37.12 5.75 6.86
N ASP C 283 36.07 5.63 6.04
CA ASP C 283 36.21 5.18 4.65
C ASP C 283 34.98 5.66 3.90
N VAL C 284 34.99 5.42 2.58
CA VAL C 284 33.87 5.83 1.73
C VAL C 284 32.56 5.41 2.35
N VAL C 285 31.63 6.36 2.45
CA VAL C 285 30.29 6.08 2.94
C VAL C 285 29.50 5.57 1.75
N ILE C 286 29.43 4.24 1.64
CA ILE C 286 28.84 3.60 0.48
C ILE C 286 27.32 3.65 0.55
N SER C 287 26.75 3.74 1.75
CA SER C 287 25.30 3.61 1.82
C SER C 287 24.73 4.48 2.93
N THR C 288 23.54 5.01 2.69
CA THR C 288 22.74 5.70 3.70
C THR C 288 21.29 5.26 3.56
N ALA C 289 20.56 5.40 4.66
CA ALA C 289 19.13 5.11 4.69
C ALA C 289 18.47 6.06 5.69
N CYS C 290 17.23 6.44 5.42
CA CYS C 290 16.47 7.33 6.28
C CYS C 290 15.32 6.56 6.92
N HIS C 291 15.15 6.73 8.22
CA HIS C 291 14.12 6.00 8.95
C HIS C 291 12.74 6.41 8.44
N PRO C 292 11.79 5.47 8.33
CA PRO C 292 10.48 5.81 7.76
C PRO C 292 9.64 6.77 8.61
N THR C 293 9.82 6.82 9.92
CA THR C 293 9.02 7.70 10.76
C THR C 293 9.81 8.67 11.63
N GLU C 294 11.05 8.37 11.98
CA GLU C 294 11.85 9.23 12.84
C GLU C 294 12.97 9.87 12.02
N ASN C 295 13.47 11.01 12.50
CA ASN C 295 14.60 11.68 11.87
C ASN C 295 15.89 10.95 12.24
N ILE C 296 16.06 9.78 11.65
CA ILE C 296 17.19 8.90 11.93
C ILE C 296 17.83 8.52 10.60
N ILE C 297 19.15 8.64 10.53
CA ILE C 297 19.93 8.21 9.37
C ILE C 297 20.83 7.05 9.77
N ALA C 298 20.88 6.03 8.92
CA ALA C 298 21.90 4.99 9.00
C ALA C 298 22.89 5.22 7.87
N SER C 299 24.16 5.06 8.18
CA SER C 299 25.24 5.25 7.23
C SER C 299 26.22 4.10 7.35
N ALA C 300 26.86 3.74 6.24
CA ALA C 300 27.75 2.58 6.24
C ALA C 300 28.87 2.78 5.24
N ALA C 301 30.02 2.20 5.57
CA ALA C 301 31.30 2.55 4.95
C ALA C 301 32.10 1.29 4.56
N LEU C 302 33.15 1.53 3.77
CA LEU C 302 33.91 0.49 3.09
C LEU C 302 35.04 -0.05 3.98
N GLU C 303 36.02 -0.70 3.34
CA GLU C 303 36.94 -1.63 3.96
C GLU C 303 37.75 -1.05 5.12
N ASN C 304 38.12 0.22 5.07
CA ASN C 304 38.89 0.78 6.17
C ASN C 304 38.04 1.05 7.41
N ASP C 305 36.72 0.96 7.30
CA ASP C 305 35.82 1.35 8.38
C ASP C 305 34.96 0.19 8.88
N LYS C 306 34.20 -0.46 7.99
CA LYS C 306 33.44 -1.68 8.27
C LYS C 306 32.31 -1.50 9.29
N THR C 307 31.92 -0.27 9.62
CA THR C 307 30.86 -0.08 10.61
C THR C 307 29.64 0.57 9.98
N ILE C 308 28.56 0.53 10.75
CA ILE C 308 27.31 1.23 10.48
C ILE C 308 27.13 2.23 11.61
N LYS C 309 26.70 3.45 11.26
CA LYS C 309 26.43 4.48 12.25
C LYS C 309 24.99 4.95 12.17
N LEU C 310 24.40 5.20 13.32
CA LEU C 310 23.04 5.71 13.45
C LEU C 310 23.13 7.15 13.96
N TRP C 311 22.37 8.05 13.33
CA TRP C 311 22.40 9.47 13.63
C TRP C 311 20.97 9.94 13.86
N LYS C 312 20.75 10.77 14.87
CA LYS C 312 19.44 11.33 15.13
C LYS C 312 19.45 12.86 15.16
N SER C 313 18.37 13.43 14.66
CA SER C 313 18.21 14.88 14.55
C SER C 313 16.83 15.28 15.06
N ASP C 314 16.71 16.55 15.47
CA ASP C 314 15.41 17.09 15.87
C ASP C 314 14.51 17.39 14.68
N CYS C 315 15.08 17.63 13.50
CA CYS C 315 14.30 17.89 12.30
C CYS C 315 15.00 17.26 11.09
N GLY D 1 34.34 -10.98 -2.44
CA GLY D 1 33.84 -9.67 -2.06
C GLY D 1 32.52 -9.34 -2.73
N ALA D 2 32.22 -8.05 -2.85
CA ALA D 2 30.98 -7.61 -3.47
C ALA D 2 31.26 -6.48 -4.43
N ALA D 3 30.61 -6.53 -5.60
CA ALA D 3 30.85 -5.53 -6.64
C ALA D 3 30.53 -4.13 -6.15
N LYS D 4 29.49 -3.99 -5.32
CA LYS D 4 29.17 -2.69 -4.73
C LYS D 4 30.37 -2.11 -3.98
N CYS D 5 31.20 -2.98 -3.40
CA CYS D 5 32.34 -2.55 -2.60
C CYS D 5 33.61 -2.40 -3.44
N ARG D 6 33.50 -2.45 -4.76
CA ARG D 6 34.61 -2.22 -5.67
C ARG D 6 34.27 -1.05 -6.58
N VAL D 7 35.30 -0.44 -7.18
CA VAL D 7 35.07 0.66 -8.11
C VAL D 7 34.15 0.19 -9.23
N PHE D 8 33.22 1.05 -9.64
CA PHE D 8 32.16 0.66 -10.55
C PHE D 8 32.63 0.81 -12.00
N SER D 9 32.86 -0.33 -12.65
CA SER D 9 33.28 -0.34 -14.05
C SER D 9 33.04 -1.74 -14.60
N PRO D 10 32.81 -1.88 -15.91
CA PRO D 10 32.67 -3.20 -16.53
C PRO D 10 33.90 -4.08 -16.30
#